data_1S0Z
#
_entry.id   1S0Z
#
_cell.length_a   45.134
_cell.length_b   52.528
_cell.length_c   132.648
_cell.angle_alpha   90.00
_cell.angle_beta   90.00
_cell.angle_gamma   90.00
#
_symmetry.space_group_name_H-M   'P 21 21 21'
#
loop_
_entity.id
_entity.type
_entity.pdbx_description
1 polymer 'Vitamin D3 receptor'
2 non-polymer SEOCALCITOL
3 water water
#
_entity_poly.entity_id   1
_entity_poly.type   'polypeptide(L)'
_entity_poly.pdbx_seq_one_letter_code
;GSHMDSLRPKLSEEQQRIIAILLDAHHKTYDPTYSDFCQFRPPVRVNDGGGSVTLELSQLSMLPHLADLVSYSIQKVIGF
AKMIPGFRDLTSEDQIVLLKSSAIEVIMLRSNESFTMDDMSWTCGNQDYKYRVSDVTKAGHSLELIEPLIKFQVGLKKLN
LHEEEHVLLMAICIVSPDRPGVQDAALIEAIQDRLSNTLQTYIRCRHPPPGSHLLYAKMIQKLADLRSLNEEHSKQYRCL
SFQPECSMKLTPLVLEVFGNEIS
;
_entity_poly.pdbx_strand_id   A
#
loop_
_chem_comp.id
_chem_comp.type
_chem_comp.name
_chem_comp.formula
EB1 non-polymer SEOCALCITOL 'C30 H46 O3'
#
# COMPACT_ATOMS: atom_id res chain seq x y z
N LEU A 7 27.38 18.77 2.65
CA LEU A 7 27.30 18.43 4.10
C LEU A 7 26.43 17.20 4.30
N ARG A 8 26.83 16.36 5.25
CA ARG A 8 26.09 15.14 5.55
C ARG A 8 25.85 15.04 7.06
N PRO A 9 24.99 15.92 7.60
CA PRO A 9 24.68 15.91 9.03
C PRO A 9 24.23 14.55 9.53
N LYS A 10 24.51 14.26 10.79
CA LYS A 10 24.15 12.99 11.40
C LYS A 10 22.70 12.99 11.87
N LEU A 11 22.11 11.81 11.91
CA LEU A 11 20.73 11.68 12.36
C LEU A 11 20.69 12.15 13.81
N SER A 12 19.73 13.01 14.12
CA SER A 12 19.59 13.50 15.49
C SER A 12 19.07 12.35 16.35
N GLU A 13 19.01 12.57 17.66
CA GLU A 13 18.51 11.53 18.56
C GLU A 13 17.04 11.29 18.22
N GLU A 14 16.29 12.38 18.03
CA GLU A 14 14.87 12.31 17.70
C GLU A 14 14.58 11.56 16.41
N GLN A 15 15.44 11.76 15.41
CA GLN A 15 15.27 11.09 14.13
C GLN A 15 15.51 9.60 14.25
N GLN A 16 16.55 9.23 14.99
CA GLN A 16 16.87 7.82 15.21
C GLN A 16 15.69 7.14 15.89
N ARG A 17 15.09 7.82 16.85
CA ARG A 17 13.95 7.30 17.58
C ARG A 17 12.72 7.16 16.69
N ILE A 18 12.53 8.10 15.79
CA ILE A 18 11.40 8.05 14.87
C ILE A 18 11.51 6.77 14.02
N ILE A 19 12.68 6.56 13.44
CA ILE A 19 12.96 5.38 12.62
C ILE A 19 12.74 4.09 13.42
N ALA A 20 13.29 4.04 14.63
CA ALA A 20 13.17 2.86 15.48
C ALA A 20 11.70 2.53 15.75
N ILE A 21 10.89 3.57 15.92
CA ILE A 21 9.46 3.41 16.19
C ILE A 21 8.75 2.87 14.95
N LEU A 22 9.10 3.40 13.79
CA LEU A 22 8.50 2.95 12.55
C LEU A 22 8.86 1.50 12.23
N LEU A 23 10.11 1.13 12.45
CA LEU A 23 10.53 -0.24 12.20
C LEU A 23 9.73 -1.20 13.08
N ASP A 24 9.61 -0.84 14.35
CA ASP A 24 8.86 -1.62 15.33
C ASP A 24 7.37 -1.73 14.98
N ALA A 25 6.80 -0.64 14.46
CA ALA A 25 5.40 -0.61 14.08
C ALA A 25 5.14 -1.56 12.92
N HIS A 26 6.07 -1.58 11.97
CA HIS A 26 5.94 -2.43 10.79
C HIS A 26 6.12 -3.91 11.11
N HIS A 27 6.97 -4.21 12.09
CA HIS A 27 7.23 -5.59 12.50
C HIS A 27 6.05 -6.15 13.27
N LYS A 28 5.27 -5.27 13.87
CA LYS A 28 4.08 -5.67 14.63
C LYS A 28 2.86 -5.75 13.73
N THR A 29 2.92 -5.08 12.58
CA THR A 29 1.77 -5.05 11.70
C THR A 29 1.94 -5.76 10.36
N TYR A 30 3.14 -6.28 10.10
CA TYR A 30 3.40 -6.98 8.85
C TYR A 30 4.03 -8.35 9.09
N ASP A 31 3.21 -9.39 8.99
CA ASP A 31 3.67 -10.77 9.15
C ASP A 31 4.30 -11.30 7.84
N PRO A 32 5.64 -11.49 7.84
CA PRO A 32 6.38 -11.98 6.66
C PRO A 32 6.23 -13.48 6.40
N THR A 33 5.46 -14.16 7.25
CA THR A 33 5.22 -15.59 7.09
C THR A 33 3.85 -15.79 6.45
N TYR A 34 3.00 -14.75 6.52
CA TYR A 34 1.66 -14.79 5.93
C TYR A 34 0.81 -15.91 6.52
N SER A 35 1.06 -16.21 7.79
CA SER A 35 0.36 -17.28 8.49
C SER A 35 -1.15 -17.09 8.75
N ASP A 36 -1.66 -15.87 8.54
CA ASP A 36 -3.09 -15.64 8.75
C ASP A 36 -3.93 -15.81 7.49
N PHE A 37 -3.27 -15.88 6.33
CA PHE A 37 -3.97 -16.00 5.05
C PHE A 37 -4.91 -17.18 4.89
N CYS A 38 -4.71 -18.26 5.65
CA CYS A 38 -5.57 -19.43 5.53
C CYS A 38 -6.94 -19.16 6.16
N GLN A 39 -7.02 -18.10 6.94
CA GLN A 39 -8.27 -17.74 7.59
C GLN A 39 -9.21 -16.99 6.64
N PHE A 40 -8.67 -16.45 5.56
CA PHE A 40 -9.48 -15.73 4.59
C PHE A 40 -10.38 -16.70 3.83
N ARG A 41 -11.33 -16.18 3.07
CA ARG A 41 -12.18 -17.04 2.26
C ARG A 41 -11.21 -17.59 1.21
N PRO A 42 -11.29 -18.90 0.91
CA PRO A 42 -10.40 -19.52 -0.07
C PRO A 42 -10.39 -18.92 -1.46
N PRO A 43 -9.20 -18.90 -2.10
CA PRO A 43 -9.08 -18.35 -3.45
C PRO A 43 -9.65 -19.39 -4.42
N VAL A 44 -10.43 -18.92 -5.39
CA VAL A 44 -11.03 -19.79 -6.39
C VAL A 44 -10.61 -19.27 -7.76
N ARG A 45 -9.91 -20.11 -8.52
CA ARG A 45 -9.44 -19.71 -9.84
C ARG A 45 -10.08 -20.53 -10.95
N VAL A 46 -11.07 -19.94 -11.64
CA VAL A 46 -11.78 -20.61 -12.72
C VAL A 46 -11.07 -20.48 -14.08
N ASN A 47 -11.56 -21.22 -15.07
CA ASN A 47 -10.98 -21.20 -16.40
C ASN A 47 -11.39 -19.92 -17.12
N ASP A 48 -10.44 -19.01 -17.29
CA ASP A 48 -10.68 -17.75 -17.97
C ASP A 48 -9.48 -17.37 -18.81
N GLY A 49 -8.96 -18.35 -19.56
CA GLY A 49 -7.80 -18.11 -20.40
C GLY A 49 -7.97 -16.93 -21.33
N GLY A 50 -9.21 -16.71 -21.79
CA GLY A 50 -9.47 -15.61 -22.69
C GLY A 50 -9.61 -14.26 -22.00
N GLY A 51 -9.61 -14.27 -20.67
CA GLY A 51 -9.75 -13.03 -19.93
C GLY A 51 -11.04 -12.33 -20.30
N SER A 52 -12.14 -13.08 -20.29
CA SER A 52 -13.46 -12.56 -20.62
C SER A 52 -14.04 -11.68 -19.53
N VAL A 53 -14.20 -10.40 -19.83
CA VAL A 53 -14.76 -9.44 -18.89
C VAL A 53 -16.13 -9.91 -18.40
N THR A 54 -16.93 -10.44 -19.32
CA THR A 54 -18.26 -10.94 -18.98
C THR A 54 -18.18 -12.08 -17.98
N LEU A 55 -17.39 -13.09 -18.30
CA LEU A 55 -17.21 -14.25 -17.43
C LEU A 55 -16.70 -13.82 -16.07
N GLU A 56 -15.62 -13.04 -16.07
CA GLU A 56 -15.00 -12.56 -14.85
C GLU A 56 -16.00 -11.81 -13.98
N LEU A 57 -16.85 -11.00 -14.61
CA LEU A 57 -17.84 -10.22 -13.89
C LEU A 57 -18.99 -11.09 -13.39
N SER A 58 -19.32 -12.13 -14.14
CA SER A 58 -20.41 -13.00 -13.73
C SER A 58 -20.00 -13.93 -12.62
N GLN A 59 -18.70 -14.16 -12.49
CA GLN A 59 -18.18 -15.05 -11.45
C GLN A 59 -17.43 -14.38 -10.30
N LEU A 60 -16.48 -13.50 -10.62
CA LEU A 60 -15.70 -12.82 -9.58
C LEU A 60 -15.17 -13.85 -8.57
N SER A 61 -14.63 -14.95 -9.07
CA SER A 61 -14.13 -16.04 -8.24
C SER A 61 -13.01 -15.67 -7.24
N MET A 62 -12.22 -14.65 -7.55
CA MET A 62 -11.14 -14.23 -6.66
C MET A 62 -11.49 -13.02 -5.80
N LEU A 63 -12.67 -12.46 -6.00
CA LEU A 63 -13.08 -11.28 -5.24
C LEU A 63 -13.19 -11.51 -3.73
N PRO A 64 -13.84 -12.61 -3.30
CA PRO A 64 -13.95 -12.84 -1.86
C PRO A 64 -12.59 -12.95 -1.16
N HIS A 65 -11.67 -13.71 -1.75
CA HIS A 65 -10.34 -13.91 -1.17
C HIS A 65 -9.52 -12.61 -1.12
N LEU A 66 -9.46 -11.90 -2.23
CA LEU A 66 -8.70 -10.64 -2.29
C LEU A 66 -9.35 -9.56 -1.43
N ALA A 67 -10.67 -9.56 -1.34
CA ALA A 67 -11.37 -8.59 -0.51
C ALA A 67 -10.95 -8.79 0.95
N ASP A 68 -10.81 -10.06 1.36
CA ASP A 68 -10.40 -10.38 2.73
C ASP A 68 -8.95 -9.96 2.97
N LEU A 69 -8.10 -10.22 1.98
CA LEU A 69 -6.69 -9.85 2.08
C LEU A 69 -6.56 -8.32 2.24
N VAL A 70 -7.30 -7.59 1.40
CA VAL A 70 -7.29 -6.13 1.45
C VAL A 70 -7.90 -5.58 2.74
N SER A 71 -8.97 -6.20 3.20
CA SER A 71 -9.64 -5.78 4.44
C SER A 71 -8.69 -6.02 5.61
N TYR A 72 -8.07 -7.19 5.62
CA TYR A 72 -7.10 -7.56 6.65
C TYR A 72 -5.96 -6.53 6.63
N SER A 73 -5.46 -6.21 5.44
CA SER A 73 -4.38 -5.26 5.29
C SER A 73 -4.76 -3.85 5.76
N ILE A 74 -6.00 -3.44 5.51
CA ILE A 74 -6.46 -2.12 5.95
C ILE A 74 -6.39 -2.04 7.47
N GLN A 75 -6.79 -3.12 8.13
CA GLN A 75 -6.75 -3.19 9.58
C GLN A 75 -5.32 -3.07 10.08
N LYS A 76 -4.37 -3.61 9.31
CA LYS A 76 -2.96 -3.54 9.70
C LYS A 76 -2.38 -2.15 9.48
N VAL A 77 -2.79 -1.51 8.40
CA VAL A 77 -2.35 -0.16 8.08
C VAL A 77 -2.81 0.82 9.14
N ILE A 78 -4.06 0.68 9.58
CA ILE A 78 -4.59 1.53 10.64
C ILE A 78 -3.71 1.38 11.89
N GLY A 79 -3.43 0.14 12.28
CA GLY A 79 -2.59 -0.09 13.43
C GLY A 79 -1.22 0.55 13.25
N PHE A 80 -0.68 0.48 12.03
CA PHE A 80 0.62 1.06 11.70
C PHE A 80 0.60 2.58 11.86
N ALA A 81 -0.42 3.21 11.27
CA ALA A 81 -0.58 4.65 11.31
C ALA A 81 -0.66 5.21 12.73
N LYS A 82 -1.41 4.54 13.60
CA LYS A 82 -1.56 5.01 14.97
C LYS A 82 -0.20 5.15 15.65
N MET A 83 0.78 4.40 15.17
CA MET A 83 2.10 4.43 15.76
C MET A 83 3.06 5.43 15.12
N ILE A 84 2.59 6.15 14.10
CA ILE A 84 3.43 7.14 13.45
C ILE A 84 3.52 8.33 14.38
N PRO A 85 4.75 8.76 14.73
CA PRO A 85 4.92 9.90 15.62
C PRO A 85 4.15 11.13 15.11
N GLY A 86 3.21 11.60 15.92
CA GLY A 86 2.43 12.77 15.54
C GLY A 86 1.05 12.48 15.00
N PHE A 87 0.83 11.27 14.50
CA PHE A 87 -0.47 10.92 13.96
C PHE A 87 -1.60 11.11 14.96
N ARG A 88 -1.38 10.71 16.20
CA ARG A 88 -2.40 10.83 17.23
C ARG A 88 -2.70 12.25 17.69
N ASP A 89 -1.86 13.21 17.31
CA ASP A 89 -2.11 14.59 17.71
C ASP A 89 -3.18 15.22 16.82
N LEU A 90 -3.41 14.60 15.68
CA LEU A 90 -4.42 15.08 14.74
C LEU A 90 -5.80 14.75 15.29
N THR A 91 -6.81 15.41 14.75
CA THR A 91 -8.18 15.16 15.16
C THR A 91 -8.55 13.81 14.55
N SER A 92 -9.45 13.07 15.18
CA SER A 92 -9.83 11.77 14.63
C SER A 92 -10.42 11.97 13.23
N GLU A 93 -11.10 13.09 13.02
CA GLU A 93 -11.68 13.38 11.72
C GLU A 93 -10.60 13.42 10.64
N ASP A 94 -9.49 14.11 10.92
CA ASP A 94 -8.37 14.19 9.99
C ASP A 94 -7.68 12.83 9.88
N GLN A 95 -7.67 12.07 10.97
CA GLN A 95 -7.05 10.76 10.97
C GLN A 95 -7.80 9.85 9.99
N ILE A 96 -9.13 9.83 10.12
CA ILE A 96 -9.97 9.02 9.25
C ILE A 96 -9.78 9.41 7.79
N VAL A 97 -9.79 10.71 7.52
CA VAL A 97 -9.61 11.20 6.15
C VAL A 97 -8.31 10.72 5.53
N LEU A 98 -7.21 10.76 6.29
CA LEU A 98 -5.92 10.32 5.78
C LEU A 98 -5.85 8.80 5.56
N LEU A 99 -6.48 8.04 6.45
CA LEU A 99 -6.50 6.59 6.35
C LEU A 99 -7.31 6.11 5.15
N LYS A 100 -8.46 6.72 4.93
CA LYS A 100 -9.32 6.33 3.82
C LYS A 100 -8.73 6.63 2.45
N SER A 101 -8.13 7.81 2.31
CA SER A 101 -7.57 8.21 1.03
C SER A 101 -6.21 7.61 0.70
N SER A 102 -5.50 7.11 1.70
CA SER A 102 -4.20 6.51 1.44
C SER A 102 -4.18 4.99 1.57
N ALA A 103 -5.25 4.43 2.14
CA ALA A 103 -5.35 2.99 2.36
C ALA A 103 -4.87 2.11 1.20
N ILE A 104 -5.39 2.32 0.00
CA ILE A 104 -5.01 1.50 -1.14
C ILE A 104 -3.56 1.75 -1.58
N GLU A 105 -3.07 2.97 -1.36
CA GLU A 105 -1.70 3.30 -1.73
C GLU A 105 -0.71 2.58 -0.82
N VAL A 106 -1.01 2.54 0.47
CA VAL A 106 -0.13 1.87 1.42
C VAL A 106 -0.15 0.36 1.17
N ILE A 107 -1.29 -0.16 0.76
CA ILE A 107 -1.40 -1.58 0.48
C ILE A 107 -0.52 -1.95 -0.72
N MET A 108 -0.53 -1.10 -1.74
CA MET A 108 0.30 -1.33 -2.93
C MET A 108 1.77 -1.19 -2.54
N LEU A 109 2.07 -0.25 -1.64
CA LEU A 109 3.43 -0.07 -1.17
C LEU A 109 3.91 -1.25 -0.34
N ARG A 110 3.16 -1.58 0.71
CA ARG A 110 3.56 -2.66 1.60
C ARG A 110 3.62 -4.03 0.91
N SER A 111 2.81 -4.20 -0.13
CA SER A 111 2.78 -5.47 -0.87
C SER A 111 4.09 -5.73 -1.61
N ASN A 112 4.87 -4.68 -1.83
CA ASN A 112 6.13 -4.81 -2.54
C ASN A 112 7.05 -5.81 -1.83
N GLU A 113 6.83 -5.98 -0.53
CA GLU A 113 7.62 -6.90 0.27
C GLU A 113 7.39 -8.35 -0.16
N SER A 114 6.19 -8.65 -0.68
CA SER A 114 5.91 -10.02 -1.11
C SER A 114 6.04 -10.16 -2.61
N PHE A 115 6.31 -9.05 -3.29
CA PHE A 115 6.45 -9.08 -4.74
C PHE A 115 7.81 -9.64 -5.12
N THR A 116 7.83 -10.52 -6.12
CA THR A 116 9.09 -11.11 -6.58
C THR A 116 9.25 -10.96 -8.07
N MET A 117 10.43 -10.53 -8.49
CA MET A 117 10.71 -10.34 -9.90
C MET A 117 11.08 -11.64 -10.60
N ASP A 118 11.02 -12.75 -9.88
CA ASP A 118 11.33 -14.03 -10.50
C ASP A 118 10.28 -14.30 -11.57
N ASP A 119 9.01 -14.14 -11.22
CA ASP A 119 7.92 -14.37 -12.15
C ASP A 119 6.87 -13.26 -12.16
N MET A 120 7.24 -12.08 -11.63
CA MET A 120 6.34 -10.93 -11.58
C MET A 120 5.04 -11.23 -10.85
N SER A 121 5.15 -11.79 -9.65
CA SER A 121 3.97 -12.11 -8.88
C SER A 121 4.21 -11.79 -7.41
N TRP A 122 3.14 -11.83 -6.63
CA TRP A 122 3.22 -11.59 -5.20
C TRP A 122 3.15 -12.98 -4.60
N THR A 123 4.24 -13.43 -4.01
CA THR A 123 4.26 -14.76 -3.44
C THR A 123 4.13 -14.71 -1.92
N CYS A 124 3.05 -15.26 -1.40
CA CYS A 124 2.80 -15.26 0.02
C CYS A 124 2.70 -16.66 0.62
N GLY A 125 3.80 -17.41 0.54
CA GLY A 125 3.81 -18.76 1.09
C GLY A 125 3.73 -19.84 0.02
N ASN A 126 2.65 -20.63 0.04
CA ASN A 126 2.48 -21.70 -0.92
C ASN A 126 1.85 -21.21 -2.22
N GLN A 127 1.71 -22.13 -3.17
CA GLN A 127 1.14 -21.82 -4.47
C GLN A 127 -0.26 -21.22 -4.38
N ASP A 128 -1.02 -21.63 -3.37
CA ASP A 128 -2.38 -21.12 -3.18
C ASP A 128 -2.39 -19.62 -2.95
N TYR A 129 -1.33 -19.09 -2.35
CA TYR A 129 -1.25 -17.68 -2.05
C TYR A 129 -0.25 -16.91 -2.90
N LYS A 130 -0.17 -17.28 -4.17
CA LYS A 130 0.69 -16.60 -5.13
C LYS A 130 -0.29 -15.87 -6.04
N TYR A 131 -0.17 -14.56 -6.15
CA TYR A 131 -1.09 -13.80 -6.97
C TYR A 131 -0.45 -13.21 -8.21
N ARG A 132 -1.00 -13.58 -9.37
CA ARG A 132 -0.49 -13.11 -10.65
C ARG A 132 -1.50 -12.14 -11.25
N VAL A 133 -1.17 -11.61 -12.42
CA VAL A 133 -2.03 -10.67 -13.13
C VAL A 133 -3.41 -11.30 -13.34
N SER A 134 -3.43 -12.56 -13.77
CA SER A 134 -4.66 -13.28 -14.03
C SER A 134 -5.59 -13.39 -12.82
N ASP A 135 -5.02 -13.44 -11.63
CA ASP A 135 -5.86 -13.53 -10.42
C ASP A 135 -6.56 -12.21 -10.16
N VAL A 136 -5.92 -11.11 -10.54
CA VAL A 136 -6.52 -9.81 -10.31
C VAL A 136 -7.67 -9.55 -11.28
N THR A 137 -7.57 -10.05 -12.50
CA THR A 137 -8.65 -9.87 -13.46
C THR A 137 -9.83 -10.74 -13.03
N LYS A 138 -9.54 -11.85 -12.35
CA LYS A 138 -10.60 -12.74 -11.85
C LYS A 138 -11.30 -12.10 -10.66
N ALA A 139 -10.75 -10.98 -10.19
CA ALA A 139 -11.33 -10.26 -9.06
C ALA A 139 -12.19 -9.11 -9.57
N GLY A 140 -12.24 -8.93 -10.89
CA GLY A 140 -13.05 -7.87 -11.46
C GLY A 140 -12.33 -6.63 -11.97
N HIS A 141 -11.00 -6.59 -11.85
CA HIS A 141 -10.24 -5.45 -12.33
C HIS A 141 -9.67 -5.72 -13.72
N SER A 142 -9.33 -4.64 -14.43
CA SER A 142 -8.80 -4.76 -15.79
C SER A 142 -7.32 -4.38 -15.88
N LEU A 143 -6.71 -4.68 -17.02
CA LEU A 143 -5.30 -4.41 -17.27
C LEU A 143 -4.92 -2.94 -17.13
N GLU A 144 -5.89 -2.05 -17.30
CA GLU A 144 -5.62 -0.62 -17.18
C GLU A 144 -5.04 -0.29 -15.80
N LEU A 145 -5.41 -1.06 -14.78
CA LEU A 145 -4.89 -0.84 -13.43
C LEU A 145 -3.75 -1.81 -13.14
N ILE A 146 -3.94 -3.07 -13.53
CA ILE A 146 -2.96 -4.12 -13.30
C ILE A 146 -1.58 -3.89 -13.91
N GLU A 147 -1.53 -3.58 -15.20
CA GLU A 147 -0.24 -3.37 -15.85
C GLU A 147 0.58 -2.26 -15.20
N PRO A 148 -0.03 -1.08 -14.95
CA PRO A 148 0.74 0.00 -14.32
C PRO A 148 1.17 -0.41 -12.91
N LEU A 149 0.34 -1.24 -12.27
CA LEU A 149 0.61 -1.70 -10.91
C LEU A 149 1.87 -2.55 -10.90
N ILE A 150 1.99 -3.46 -11.86
CA ILE A 150 3.16 -4.33 -11.96
C ILE A 150 4.40 -3.48 -12.26
N LYS A 151 4.24 -2.55 -13.19
CA LYS A 151 5.36 -1.68 -13.56
C LYS A 151 5.84 -0.95 -12.31
N PHE A 152 4.89 -0.49 -11.50
CA PHE A 152 5.19 0.22 -10.26
C PHE A 152 5.95 -0.67 -9.28
N GLN A 153 5.53 -1.93 -9.18
CA GLN A 153 6.17 -2.87 -8.26
C GLN A 153 7.62 -3.13 -8.63
N VAL A 154 7.88 -3.29 -9.92
CA VAL A 154 9.23 -3.54 -10.42
C VAL A 154 10.15 -2.35 -10.17
N GLY A 155 9.63 -1.15 -10.44
CA GLY A 155 10.43 0.05 -10.23
C GLY A 155 10.78 0.25 -8.77
N LEU A 156 9.87 -0.11 -7.88
CA LEU A 156 10.10 0.04 -6.45
C LEU A 156 11.11 -1.01 -6.00
N LYS A 157 11.00 -2.22 -6.54
CA LYS A 157 11.93 -3.30 -6.21
C LYS A 157 13.37 -2.92 -6.57
N LYS A 158 13.53 -2.28 -7.73
CA LYS A 158 14.83 -1.88 -8.22
C LYS A 158 15.54 -0.80 -7.41
N LEU A 159 14.79 -0.10 -6.58
CA LEU A 159 15.40 0.94 -5.74
C LEU A 159 16.15 0.29 -4.58
N ASN A 160 15.92 -1.01 -4.37
CA ASN A 160 16.55 -1.75 -3.29
C ASN A 160 16.59 -0.94 -1.99
N LEU A 161 15.41 -0.52 -1.53
CA LEU A 161 15.31 0.29 -0.32
C LEU A 161 15.64 -0.47 0.95
N HIS A 162 16.21 0.22 1.92
CA HIS A 162 16.50 -0.42 3.20
C HIS A 162 15.14 -0.44 3.86
N GLU A 163 14.95 -1.25 4.89
CA GLU A 163 13.65 -1.31 5.54
C GLU A 163 13.31 0.04 6.16
N GLU A 164 14.34 0.77 6.59
CA GLU A 164 14.15 2.08 7.20
C GLU A 164 13.52 3.08 6.22
N GLU A 165 13.93 2.99 4.96
CA GLU A 165 13.41 3.87 3.93
C GLU A 165 12.02 3.43 3.50
N HIS A 166 11.79 2.12 3.51
CA HIS A 166 10.51 1.54 3.15
C HIS A 166 9.41 1.99 4.13
N VAL A 167 9.65 1.83 5.43
CA VAL A 167 8.66 2.24 6.42
C VAL A 167 8.49 3.76 6.47
N LEU A 168 9.54 4.52 6.16
CA LEU A 168 9.44 5.98 6.15
C LEU A 168 8.57 6.45 4.98
N LEU A 169 8.70 5.74 3.86
CA LEU A 169 7.91 6.09 2.67
C LEU A 169 6.43 5.87 2.94
N MET A 170 6.08 4.73 3.56
CA MET A 170 4.67 4.46 3.87
C MET A 170 4.11 5.49 4.83
N ALA A 171 4.91 5.90 5.80
CA ALA A 171 4.47 6.89 6.77
C ALA A 171 4.23 8.23 6.07
N ILE A 172 5.18 8.63 5.22
CA ILE A 172 5.07 9.88 4.48
C ILE A 172 3.84 9.85 3.58
N CYS A 173 3.56 8.68 3.02
CA CYS A 173 2.42 8.50 2.14
C CYS A 173 1.09 8.75 2.85
N ILE A 174 0.98 8.24 4.06
CA ILE A 174 -0.23 8.38 4.85
C ILE A 174 -0.47 9.83 5.32
N VAL A 175 0.57 10.47 5.84
CA VAL A 175 0.45 11.82 6.35
C VAL A 175 0.66 12.88 5.27
N SER A 176 -0.23 12.92 4.29
CA SER A 176 -0.15 13.89 3.19
C SER A 176 -1.11 15.04 3.45
N PRO A 177 -0.61 16.29 3.43
CA PRO A 177 -1.43 17.47 3.66
C PRO A 177 -2.41 17.79 2.55
N ASP A 178 -2.11 17.31 1.35
CA ASP A 178 -2.96 17.58 0.20
C ASP A 178 -3.98 16.48 -0.12
N ARG A 179 -4.65 15.98 0.92
CA ARG A 179 -5.68 14.96 0.70
C ARG A 179 -7.01 15.71 0.78
N PRO A 180 -7.91 15.45 -0.17
CA PRO A 180 -9.20 16.14 -0.16
C PRO A 180 -9.97 15.90 1.14
N GLY A 181 -10.27 16.98 1.85
CA GLY A 181 -11.03 16.86 3.08
C GLY A 181 -10.30 17.09 4.38
N VAL A 182 -9.00 17.38 4.31
CA VAL A 182 -8.24 17.62 5.53
C VAL A 182 -8.57 18.97 6.14
N GLN A 183 -8.69 19.01 7.46
CA GLN A 183 -9.02 20.25 8.15
C GLN A 183 -7.75 21.01 8.52
N ASP A 184 -6.87 20.36 9.27
CA ASP A 184 -5.64 21.00 9.71
C ASP A 184 -4.44 20.58 8.87
N ALA A 185 -4.38 21.09 7.65
CA ALA A 185 -3.31 20.77 6.70
C ALA A 185 -1.92 21.20 7.17
N ALA A 186 -1.86 22.25 7.98
CA ALA A 186 -0.59 22.76 8.49
C ALA A 186 0.05 21.77 9.45
N LEU A 187 -0.75 21.25 10.38
CA LEU A 187 -0.26 20.29 11.35
C LEU A 187 0.26 19.06 10.59
N ILE A 188 -0.58 18.54 9.71
CA ILE A 188 -0.22 17.36 8.92
C ILE A 188 1.08 17.60 8.15
N GLU A 189 1.21 18.78 7.56
CA GLU A 189 2.42 19.10 6.81
C GLU A 189 3.63 19.12 7.74
N ALA A 190 3.43 19.63 8.95
CA ALA A 190 4.52 19.70 9.93
C ALA A 190 5.00 18.29 10.25
N ILE A 191 4.03 17.39 10.42
CA ILE A 191 4.32 15.99 10.73
C ILE A 191 5.02 15.30 9.57
N GLN A 192 4.58 15.60 8.34
CA GLN A 192 5.19 14.98 7.17
C GLN A 192 6.61 15.47 6.95
N ASP A 193 6.84 16.76 7.19
CA ASP A 193 8.17 17.32 7.01
C ASP A 193 9.18 16.65 7.94
N ARG A 194 8.78 16.38 9.17
CA ARG A 194 9.67 15.74 10.14
C ARG A 194 10.04 14.34 9.67
N LEU A 195 9.12 13.70 8.94
CA LEU A 195 9.36 12.37 8.41
C LEU A 195 10.24 12.47 7.17
N SER A 196 9.98 13.50 6.36
CA SER A 196 10.76 13.73 5.13
C SER A 196 12.21 14.06 5.43
N ASN A 197 12.43 14.93 6.40
CA ASN A 197 13.79 15.30 6.77
C ASN A 197 14.52 14.09 7.34
N THR A 198 13.80 13.26 8.05
CA THR A 198 14.39 12.06 8.62
C THR A 198 14.85 11.16 7.49
N LEU A 199 14.00 11.00 6.48
CA LEU A 199 14.33 10.15 5.34
C LEU A 199 15.48 10.73 4.53
N GLN A 200 15.43 12.03 4.28
CA GLN A 200 16.49 12.68 3.53
C GLN A 200 17.82 12.53 4.26
N THR A 201 17.81 12.80 5.57
CA THR A 201 19.03 12.68 6.38
C THR A 201 19.55 11.25 6.38
N TYR A 202 18.65 10.29 6.53
CA TYR A 202 19.05 8.89 6.55
C TYR A 202 19.73 8.44 5.26
N ILE A 203 19.19 8.88 4.12
CA ILE A 203 19.75 8.51 2.81
C ILE A 203 21.16 9.06 2.61
N ARG A 204 21.36 10.35 2.88
CA ARG A 204 22.68 10.96 2.73
C ARG A 204 23.66 10.37 3.72
N CYS A 205 23.11 9.94 4.86
CA CYS A 205 23.90 9.39 5.95
C CYS A 205 24.22 7.90 5.88
N ARG A 206 23.17 7.07 5.87
CA ARG A 206 23.33 5.62 5.88
C ARG A 206 23.25 4.90 4.53
N HIS A 207 22.87 5.58 3.47
CA HIS A 207 22.78 4.90 2.19
C HIS A 207 24.04 5.06 1.34
N PRO A 208 24.70 3.93 1.04
CA PRO A 208 25.94 3.87 0.24
C PRO A 208 25.70 3.85 -1.27
N PRO A 209 26.66 4.36 -2.06
CA PRO A 209 26.58 4.40 -3.53
C PRO A 209 26.67 3.02 -4.17
N PRO A 210 26.35 2.91 -5.47
CA PRO A 210 25.91 4.00 -6.36
C PRO A 210 24.47 4.43 -6.12
N GLY A 211 24.16 5.68 -6.46
CA GLY A 211 22.83 6.19 -6.27
C GLY A 211 22.61 6.77 -4.88
N SER A 212 23.69 7.23 -4.26
CA SER A 212 23.62 7.81 -2.93
C SER A 212 22.50 8.84 -2.92
N HIS A 213 22.63 9.84 -3.79
CA HIS A 213 21.62 10.89 -3.91
C HIS A 213 20.64 10.38 -4.97
N LEU A 214 19.80 11.28 -5.49
CA LEU A 214 18.83 10.91 -6.52
C LEU A 214 17.72 10.01 -5.95
N LEU A 215 18.08 9.12 -5.04
CA LEU A 215 17.14 8.18 -4.43
C LEU A 215 15.91 8.86 -3.82
N TYR A 216 16.12 9.96 -3.11
CA TYR A 216 15.02 10.67 -2.50
C TYR A 216 14.01 11.10 -3.55
N ALA A 217 14.51 11.74 -4.62
CA ALA A 217 13.66 12.20 -5.70
C ALA A 217 12.90 11.02 -6.32
N LYS A 218 13.61 9.91 -6.52
CA LYS A 218 12.99 8.73 -7.09
C LYS A 218 11.89 8.21 -6.16
N MET A 219 12.10 8.37 -4.85
CA MET A 219 11.13 7.91 -3.88
C MET A 219 9.90 8.81 -3.87
N ILE A 220 10.13 10.11 -3.98
CA ILE A 220 9.04 11.07 -3.99
C ILE A 220 8.20 10.87 -5.26
N GLN A 221 8.86 10.49 -6.34
CA GLN A 221 8.17 10.26 -7.61
C GLN A 221 7.24 9.06 -7.52
N LYS A 222 7.61 8.07 -6.73
CA LYS A 222 6.78 6.89 -6.56
C LYS A 222 5.48 7.27 -5.86
N LEU A 223 5.54 8.29 -4.99
CA LEU A 223 4.34 8.72 -4.30
C LEU A 223 3.35 9.32 -5.30
N ALA A 224 3.88 10.00 -6.31
CA ALA A 224 3.06 10.60 -7.35
C ALA A 224 2.42 9.46 -8.13
N ASP A 225 3.23 8.47 -8.50
CA ASP A 225 2.74 7.31 -9.24
C ASP A 225 1.55 6.70 -8.51
N LEU A 226 1.67 6.56 -7.20
CA LEU A 226 0.60 5.99 -6.38
C LEU A 226 -0.73 6.74 -6.55
N ARG A 227 -0.69 8.07 -6.53
CA ARG A 227 -1.90 8.86 -6.69
C ARG A 227 -2.67 8.41 -7.93
N SER A 228 -1.95 8.20 -9.02
CA SER A 228 -2.56 7.76 -10.29
C SER A 228 -3.20 6.39 -10.17
N LEU A 229 -2.52 5.47 -9.51
CA LEU A 229 -3.08 4.13 -9.33
C LEU A 229 -4.32 4.24 -8.45
N ASN A 230 -4.25 5.13 -7.46
CA ASN A 230 -5.37 5.36 -6.55
C ASN A 230 -6.61 5.76 -7.36
N GLU A 231 -6.43 6.71 -8.29
CA GLU A 231 -7.52 7.18 -9.13
C GLU A 231 -8.11 6.09 -10.00
N GLU A 232 -7.24 5.33 -10.66
CA GLU A 232 -7.68 4.26 -11.53
C GLU A 232 -8.41 3.18 -10.72
N HIS A 233 -7.84 2.80 -9.58
CA HIS A 233 -8.49 1.79 -8.76
C HIS A 233 -9.88 2.26 -8.37
N SER A 234 -10.01 3.53 -8.03
CA SER A 234 -11.28 4.11 -7.63
C SER A 234 -12.33 4.01 -8.75
N LYS A 235 -11.91 4.23 -10.00
CA LYS A 235 -12.82 4.14 -11.14
C LYS A 235 -13.34 2.71 -11.29
N GLN A 236 -12.40 1.77 -11.24
CA GLN A 236 -12.73 0.37 -11.41
C GLN A 236 -13.54 -0.22 -10.28
N TYR A 237 -13.34 0.30 -9.08
CA TYR A 237 -14.10 -0.18 -7.93
C TYR A 237 -15.57 0.21 -8.14
N ARG A 238 -15.79 1.44 -8.60
CA ARG A 238 -17.13 1.96 -8.84
C ARG A 238 -17.89 1.07 -9.82
N CYS A 239 -17.30 0.80 -10.97
CA CYS A 239 -17.91 -0.05 -11.98
C CYS A 239 -18.19 -1.41 -11.35
N LEU A 240 -17.22 -1.87 -10.56
CA LEU A 240 -17.32 -3.17 -9.89
C LEU A 240 -18.51 -3.23 -8.93
N SER A 241 -18.80 -2.12 -8.26
CA SER A 241 -19.92 -2.08 -7.32
C SER A 241 -21.28 -2.04 -8.05
N PHE A 242 -21.25 -1.97 -9.38
CA PHE A 242 -22.48 -1.94 -10.16
C PHE A 242 -22.97 -3.36 -10.38
N GLN A 243 -22.06 -4.33 -10.20
CA GLN A 243 -22.38 -5.73 -10.39
C GLN A 243 -23.27 -6.19 -9.23
N PRO A 244 -24.48 -6.70 -9.55
CA PRO A 244 -25.41 -7.18 -8.51
C PRO A 244 -24.81 -8.25 -7.59
N GLU A 245 -25.10 -8.13 -6.30
CA GLU A 245 -24.63 -9.08 -5.27
C GLU A 245 -23.14 -8.97 -4.97
N CYS A 246 -22.50 -7.93 -5.48
CA CYS A 246 -21.07 -7.72 -5.29
C CYS A 246 -20.68 -7.40 -3.85
N SER A 247 -21.46 -6.56 -3.19
CA SER A 247 -21.17 -6.16 -1.81
C SER A 247 -20.95 -7.34 -0.86
N MET A 248 -21.72 -8.41 -1.06
CA MET A 248 -21.61 -9.60 -0.21
C MET A 248 -20.24 -10.27 -0.34
N LYS A 249 -19.55 -10.00 -1.44
CA LYS A 249 -18.26 -10.59 -1.69
C LYS A 249 -17.15 -9.78 -1.04
N LEU A 250 -17.48 -8.58 -0.60
CA LEU A 250 -16.52 -7.70 0.04
C LEU A 250 -16.70 -7.79 1.54
N THR A 251 -16.32 -6.74 2.26
CA THR A 251 -16.46 -6.70 3.71
C THR A 251 -16.88 -5.30 4.10
N PRO A 252 -17.49 -5.15 5.29
CA PRO A 252 -17.93 -3.82 5.73
C PRO A 252 -16.81 -2.76 5.63
N LEU A 253 -15.63 -3.10 6.14
CA LEU A 253 -14.48 -2.19 6.10
C LEU A 253 -14.13 -1.74 4.67
N VAL A 254 -14.11 -2.68 3.72
CA VAL A 254 -13.80 -2.33 2.34
C VAL A 254 -14.91 -1.43 1.78
N LEU A 255 -16.16 -1.75 2.11
CA LEU A 255 -17.30 -0.97 1.64
C LEU A 255 -17.26 0.48 2.13
N GLU A 256 -16.85 0.69 3.38
CA GLU A 256 -16.80 2.04 3.91
C GLU A 256 -15.58 2.82 3.42
N VAL A 257 -14.46 2.13 3.24
CA VAL A 257 -13.23 2.79 2.79
C VAL A 257 -13.23 3.18 1.31
N PHE A 258 -13.83 2.35 0.46
CA PHE A 258 -13.86 2.67 -0.97
C PHE A 258 -15.25 3.05 -1.46
N GLY A 259 -16.25 2.83 -0.61
CA GLY A 259 -17.61 3.17 -0.98
C GLY A 259 -17.99 4.56 -0.50
O2 EB1 B . 2.24 -8.47 0.89
C1 EB1 B . -0.19 -6.90 1.64
C2 EB1 B . 0.43 -8.07 2.44
C3 EB1 B . 1.09 -9.09 1.44
C4 EB1 B . 0.16 -9.50 0.25
C5 EB1 B . -0.55 -8.31 -0.44
C6 EB1 B . -0.50 -8.32 -1.78
C7 EB1 B . -1.08 -7.33 -2.70
C8 EB1 B . -1.58 -7.53 -3.93
C9 EB1 B . -1.68 -8.89 -4.70
C10 EB1 B . -1.18 -7.30 0.53
C11 EB1 B . -3.10 -9.19 -5.25
C12 EB1 B . -3.81 -7.96 -5.89
C13 EB1 B . -3.65 -6.62 -5.11
C14 EB1 B . -2.14 -6.35 -4.74
C15 EB1 B . -2.14 -4.86 -4.17
C16 EB1 B . -3.27 -4.14 -4.92
C17 EB1 B . -3.83 -5.26 -5.88
C18 EB1 B . -4.56 -6.78 -3.82
C19 EB1 B . -2.46 -6.80 0.48
C20 EB1 B . -5.28 -5.01 -6.51
C21 EB1 B . -5.37 -4.13 -7.79
C22 EB1 B . -6.28 -4.48 -5.58
C23 EB1 B . -7.35 -5.26 -5.51
C24 EB1 B . -8.41 -4.87 -4.63
C25 EB1 B . -9.66 -5.18 -4.91
C27 EB1 B . -10.88 -4.48 -4.42
O1 EB1 B . -0.78 -5.98 2.51
C26 EB1 B . -11.01 -3.85 -2.99
C28 EB1 B . -11.93 -5.54 -4.57
O3 EB1 B . -11.03 -3.39 -5.34
C30 EB1 B . -11.86 -6.69 -3.45
C31 EB1 B . -10.12 -2.66 -2.71
#